data_7SK0
#
_entry.id   7SK0
#
_cell.length_a   1.00
_cell.length_b   1.00
_cell.length_c   1.00
_cell.angle_alpha   90.00
_cell.angle_beta   90.00
_cell.angle_gamma   90.00
#
_symmetry.space_group_name_H-M   'P 1'
#
loop_
_entity.id
_entity.type
_entity.pdbx_description
1 polymer 'Potassium channel subfamily K member 1'
2 non-polymer N-OCTANE
3 non-polymer 'POTASSIUM ION'
#
_entity_poly.entity_id   1
_entity_poly.type   'polypeptide(L)'
_entity_poly.pdbx_seq_one_letter_code
;MLQSLAGSSCVRLVERHRSAWCFGFLVLGYLLYLVFGAVVFSSVELPYEDLLRQELRKLKRRFLEEHECLSEPQLEQFLG
RVLEASNYGVSVLSNASGNWNWDFTSALFFASTVLSTTGYGHTVPLSDGGKAFCIIYSVIGIPFTLLFLTAVVQRVTVHV
TRRPVLYFHIRWGFSKQVVAIVHAVLLGFVTVSCFFFIPAAVFSVLEDDWNFLESFYFCFISLSTIGLGDYVPGEGYNQK
FRELYKIGITCYLLLGLIAMLVVLETFCELHELKKFRKMFYVKKDKDEDQVHIMEHDQLSFSSITEQAAGLKEEQKQNEP
FVASQSPPYEDGSANH
;
_entity_poly.pdbx_strand_id   A,B
#
loop_
_chem_comp.id
_chem_comp.type
_chem_comp.name
_chem_comp.formula
K non-polymer 'POTASSIUM ION' 'K 1'
OCT non-polymer N-OCTANE 'C8 H18'
#
# COMPACT_ATOMS: atom_id res chain seq x y z
N GLY A 24 23.86 -12.55 3.65
CA GLY A 24 24.54 -12.67 4.92
C GLY A 24 24.85 -11.33 5.53
N PHE A 25 25.91 -10.70 5.01
CA PHE A 25 26.28 -9.37 5.48
C PHE A 25 25.16 -8.36 5.23
N LEU A 26 24.55 -8.41 4.05
CA LEU A 26 23.45 -7.49 3.75
C LEU A 26 22.27 -7.75 4.68
N VAL A 27 21.91 -9.01 4.88
CA VAL A 27 20.72 -9.32 5.66
C VAL A 27 20.86 -8.76 7.06
N LEU A 28 22.05 -8.90 7.65
CA LEU A 28 22.30 -8.29 8.94
C LEU A 28 22.22 -6.78 8.81
N GLY A 29 22.78 -6.24 7.74
CA GLY A 29 22.74 -4.80 7.54
C GLY A 29 21.32 -4.30 7.38
N TYR A 30 20.49 -5.05 6.64
CA TYR A 30 19.10 -4.66 6.48
C TYR A 30 18.40 -4.68 7.82
N LEU A 31 18.62 -5.75 8.59
CA LEU A 31 18.03 -5.80 9.92
C LEU A 31 18.59 -4.67 10.77
N LEU A 32 19.88 -4.39 10.64
CA LEU A 32 20.46 -3.27 11.35
C LEU A 32 19.84 -1.97 10.88
N TYR A 33 19.56 -1.87 9.58
CA TYR A 33 19.02 -0.65 9.02
C TYR A 33 17.64 -0.34 9.59
N LEU A 34 16.79 -1.37 9.72
CA LEU A 34 15.50 -1.14 10.36
C LEU A 34 15.68 -0.78 11.82
N VAL A 35 16.66 -1.40 12.48
CA VAL A 35 16.96 -1.03 13.86
C VAL A 35 17.40 0.41 13.93
N PHE A 36 18.21 0.83 12.96
CA PHE A 36 18.57 2.25 12.89
C PHE A 36 17.35 3.08 12.56
N GLY A 37 16.45 2.55 11.73
CA GLY A 37 15.23 3.26 11.43
C GLY A 37 14.31 3.39 12.62
N ALA A 38 14.23 2.35 13.43
CA ALA A 38 13.28 2.35 14.54
C ALA A 38 13.72 3.29 15.65
N VAL A 39 15.03 3.46 15.84
CA VAL A 39 15.51 4.34 16.89
C VAL A 39 15.38 5.79 16.47
N VAL A 40 15.65 6.08 15.21
CA VAL A 40 15.56 7.46 14.74
C VAL A 40 14.10 7.92 14.74
N PHE A 41 13.19 7.05 14.32
CA PHE A 41 11.77 7.39 14.44
C PHE A 41 11.37 7.53 15.89
N SER A 42 11.91 6.66 16.75
CA SER A 42 11.70 6.83 18.17
C SER A 42 12.33 8.12 18.68
N SER A 43 13.39 8.59 18.01
CA SER A 43 14.03 9.82 18.47
C SER A 43 13.29 11.06 18.01
N VAL A 44 12.66 11.03 16.84
CA VAL A 44 12.00 12.20 16.26
C VAL A 44 10.48 12.05 16.25
N GLU A 45 9.97 10.95 15.67
CA GLU A 45 8.53 10.79 15.55
C GLU A 45 7.87 10.54 16.89
N LEU A 46 8.47 9.69 17.71
CA LEU A 46 7.84 9.29 18.96
C LEU A 46 7.57 10.46 19.90
N PRO A 47 8.47 11.42 20.09
CA PRO A 47 8.11 12.56 20.94
C PRO A 47 6.90 13.32 20.40
N TYR A 48 6.84 13.51 19.08
CA TYR A 48 5.64 14.12 18.50
C TYR A 48 4.43 13.21 18.69
N GLU A 49 4.64 11.90 18.50
CA GLU A 49 3.53 10.97 18.70
C GLU A 49 3.11 10.94 20.15
N ASP A 50 4.07 10.94 21.06
CA ASP A 50 3.73 10.99 22.46
C ASP A 50 2.96 12.27 22.74
N LEU A 51 3.37 13.36 22.07
CA LEU A 51 2.69 14.63 22.20
C LEU A 51 1.27 14.53 21.65
N LEU A 52 1.11 13.94 20.46
CA LEU A 52 -0.23 13.84 19.89
C LEU A 52 -1.05 12.81 20.63
N ARG A 53 -0.44 11.68 21.00
CA ARG A 53 -1.16 10.69 21.76
C ARG A 53 -1.51 11.24 23.14
N GLN A 54 -0.63 12.07 23.70
CA GLN A 54 -0.97 12.77 24.93
C GLN A 54 -2.04 13.82 24.68
N GLU A 55 -2.01 14.48 23.52
CA GLU A 55 -3.00 15.51 23.20
C GLU A 55 -4.26 14.93 22.58
N LEU A 56 -4.19 13.73 22.01
CA LEU A 56 -5.41 13.09 21.52
C LEU A 56 -6.11 12.43 22.70
N ARG A 57 -5.35 11.87 23.64
CA ARG A 57 -5.95 11.42 24.88
C ARG A 57 -6.52 12.63 25.62
N LYS A 58 -5.85 13.78 25.48
CA LYS A 58 -6.41 15.01 26.01
C LYS A 58 -7.71 15.34 25.28
N LEU A 59 -7.72 15.11 23.96
CA LEU A 59 -8.93 15.32 23.18
C LEU A 59 -10.01 14.34 23.59
N LYS A 60 -9.62 13.12 23.94
CA LYS A 60 -10.60 12.16 24.42
C LYS A 60 -11.24 12.67 25.70
N ARG A 61 -10.44 13.20 26.60
CA ARG A 61 -10.97 13.64 27.88
C ARG A 61 -11.61 15.02 27.79
N ARG A 62 -11.24 15.83 26.78
CA ARG A 62 -12.00 17.05 26.57
C ARG A 62 -13.37 16.74 26.01
N PHE A 63 -13.41 15.84 25.02
CA PHE A 63 -14.68 15.51 24.39
C PHE A 63 -15.60 14.85 25.39
N LEU A 64 -15.06 13.94 26.21
CA LEU A 64 -15.85 13.31 27.24
C LEU A 64 -16.18 14.29 28.37
N GLU A 65 -15.25 15.18 28.72
CA GLU A 65 -15.54 16.15 29.77
C GLU A 65 -16.66 17.08 29.33
N GLU A 66 -16.63 17.52 28.07
CA GLU A 66 -17.67 18.41 27.56
C GLU A 66 -19.02 17.72 27.62
N HIS A 67 -19.09 16.48 27.13
CA HIS A 67 -20.33 15.72 27.08
C HIS A 67 -20.42 14.82 28.33
N GLU A 68 -20.83 15.44 29.44
CA GLU A 68 -21.01 14.69 30.67
C GLU A 68 -22.04 13.58 30.50
N CYS A 69 -23.08 13.83 29.70
CA CYS A 69 -24.06 12.78 29.39
C CYS A 69 -23.36 11.55 28.85
N LEU A 70 -22.49 11.76 27.86
CA LEU A 70 -21.75 10.69 27.21
C LEU A 70 -20.84 9.95 28.17
N SER A 71 -20.78 8.62 28.00
CA SER A 71 -19.98 7.74 28.85
C SER A 71 -18.93 7.00 28.02
N GLU A 72 -17.89 6.56 28.73
CA GLU A 72 -16.73 5.93 28.08
C GLU A 72 -17.03 4.62 27.34
N PRO A 73 -17.72 3.63 27.93
CA PRO A 73 -17.86 2.34 27.24
C PRO A 73 -18.71 2.36 25.97
N GLN A 74 -19.87 3.00 26.00
CA GLN A 74 -20.71 3.04 24.80
C GLN A 74 -19.97 3.76 23.69
N LEU A 75 -19.31 4.86 24.04
CA LEU A 75 -18.47 5.55 23.07
C LEU A 75 -17.37 4.64 22.56
N GLU A 76 -16.82 3.80 23.42
CA GLU A 76 -15.76 2.90 22.98
C GLU A 76 -16.28 1.95 21.90
N GLN A 77 -17.50 1.46 22.09
CA GLN A 77 -18.13 0.58 21.11
C GLN A 77 -18.44 1.34 19.82
N PHE A 78 -18.96 2.57 19.96
CA PHE A 78 -19.31 3.36 18.79
C PHE A 78 -18.07 3.63 17.94
N LEU A 79 -17.00 4.12 18.57
CA LEU A 79 -15.77 4.32 17.82
C LEU A 79 -15.18 3.00 17.32
N GLY A 80 -15.44 1.90 18.01
CA GLY A 80 -14.98 0.63 17.49
C GLY A 80 -15.56 0.39 16.12
N ARG A 81 -16.86 0.66 15.96
CA ARG A 81 -17.48 0.49 14.66
C ARG A 81 -17.05 1.59 13.70
N VAL A 82 -17.12 2.84 14.14
CA VAL A 82 -16.81 3.98 13.25
C VAL A 82 -15.41 3.82 12.65
N LEU A 83 -14.41 3.53 13.48
CA LEU A 83 -13.07 3.36 12.95
C LEU A 83 -12.92 2.06 12.19
N GLU A 84 -13.70 1.03 12.52
CA GLU A 84 -13.63 -0.16 11.69
C GLU A 84 -14.09 0.18 10.29
N ALA A 85 -15.24 0.84 10.19
CA ALA A 85 -15.75 1.28 8.90
C ALA A 85 -14.74 2.18 8.20
N SER A 86 -14.16 3.13 8.93
CA SER A 86 -13.18 4.03 8.34
C SER A 86 -12.02 3.25 7.77
N ASN A 87 -11.58 2.24 8.51
CA ASN A 87 -10.56 1.36 7.98
C ASN A 87 -11.11 0.66 6.75
N TYR A 88 -12.39 0.29 6.80
CA TYR A 88 -13.07 -0.39 5.71
C TYR A 88 -13.44 0.55 4.57
N GLY A 89 -13.32 1.87 4.78
CA GLY A 89 -13.48 2.85 3.71
C GLY A 89 -14.65 3.81 3.90
N VAL A 90 -15.69 3.39 4.60
CA VAL A 90 -16.90 4.21 4.68
C VAL A 90 -16.77 5.33 5.70
N SER A 91 -16.03 6.37 5.34
CA SER A 91 -15.94 7.57 6.15
C SER A 91 -17.33 8.01 6.62
N VAL A 92 -17.44 8.28 7.90
CA VAL A 92 -18.70 8.68 8.51
C VAL A 92 -18.87 10.20 8.38
N LEU A 93 -18.10 10.82 7.49
CA LEU A 93 -18.07 12.27 7.36
C LEU A 93 -19.03 12.71 6.26
N SER A 94 -19.22 14.04 6.17
CA SER A 94 -20.08 14.64 5.15
C SER A 94 -21.52 14.15 5.29
N ASN A 95 -22.00 14.07 6.53
CA ASN A 95 -23.37 13.63 6.82
C ASN A 95 -23.65 12.24 6.26
N ALA A 96 -22.60 11.48 5.95
CA ALA A 96 -22.58 10.18 5.29
C ALA A 96 -22.91 10.32 3.81
N SER A 97 -23.81 11.24 3.45
CA SER A 97 -24.15 11.49 2.05
C SER A 97 -23.07 12.35 1.43
N GLY A 98 -21.80 11.97 1.55
CA GLY A 98 -20.75 12.73 0.93
C GLY A 98 -20.51 12.22 -0.47
N ASN A 99 -19.34 11.65 -0.69
CA ASN A 99 -19.03 11.09 -2.00
C ASN A 99 -19.37 9.61 -1.99
N TRP A 100 -19.77 9.09 -3.14
CA TRP A 100 -20.06 7.66 -3.23
C TRP A 100 -18.78 6.87 -3.41
N ASN A 101 -18.38 6.20 -2.32
CA ASN A 101 -17.20 5.35 -2.28
C ASN A 101 -17.13 4.43 -3.49
N TRP A 102 -18.28 3.87 -3.87
CA TRP A 102 -18.39 3.00 -5.05
C TRP A 102 -19.37 3.58 -6.06
N ASP A 103 -18.80 4.26 -7.05
CA ASP A 103 -19.47 4.77 -8.22
C ASP A 103 -18.45 4.59 -9.33
N PHE A 104 -18.90 4.57 -10.58
CA PHE A 104 -18.01 4.27 -11.71
C PHE A 104 -16.66 4.96 -11.60
N THR A 105 -16.66 6.24 -11.26
CA THR A 105 -15.39 6.96 -11.15
C THR A 105 -14.63 6.51 -9.90
N SER A 106 -15.30 6.53 -8.75
CA SER A 106 -14.60 6.17 -7.51
C SER A 106 -14.18 4.72 -7.56
N ALA A 107 -15.02 3.86 -8.13
CA ALA A 107 -14.64 2.45 -8.22
C ALA A 107 -13.52 2.29 -9.21
N LEU A 108 -13.51 3.11 -10.26
CA LEU A 108 -12.38 3.11 -11.18
C LEU A 108 -11.11 3.53 -10.48
N PHE A 109 -11.26 4.29 -9.41
CA PHE A 109 -10.10 4.76 -8.66
C PHE A 109 -9.65 3.70 -7.68
N PHE A 110 -10.61 3.03 -7.04
CA PHE A 110 -10.27 1.94 -6.14
C PHE A 110 -9.59 0.84 -6.91
N ALA A 111 -10.07 0.57 -8.12
CA ALA A 111 -9.52 -0.51 -8.90
C ALA A 111 -8.14 -0.14 -9.43
N SER A 112 -7.93 1.14 -9.74
CA SER A 112 -6.59 1.54 -10.14
C SER A 112 -5.62 1.41 -8.97
N THR A 113 -6.06 1.79 -7.78
CA THR A 113 -5.16 1.74 -6.63
C THR A 113 -4.86 0.31 -6.21
N VAL A 114 -5.86 -0.56 -6.23
CA VAL A 114 -5.64 -1.93 -5.76
C VAL A 114 -4.88 -2.70 -6.80
N LEU A 115 -5.09 -2.39 -8.06
CA LEU A 115 -4.29 -3.00 -9.10
C LEU A 115 -2.86 -2.47 -9.10
N SER A 116 -2.69 -1.18 -8.79
CA SER A 116 -1.36 -0.59 -8.71
C SER A 116 -0.70 -0.81 -7.36
N THR A 117 -1.35 -1.49 -6.43
CA THR A 117 -0.88 -1.88 -5.11
C THR A 117 -0.90 -0.72 -4.12
N THR A 118 -1.17 0.51 -4.56
CA THR A 118 -1.19 1.65 -3.66
C THR A 118 -2.05 1.38 -2.44
N GLY A 119 -3.25 0.90 -2.65
CA GLY A 119 -4.11 0.52 -1.55
C GLY A 119 -4.29 1.57 -0.49
N TYR A 120 -4.82 2.74 -0.89
CA TYR A 120 -4.97 3.85 0.05
C TYR A 120 -5.78 3.45 1.27
N GLY A 121 -6.75 2.56 1.10
CA GLY A 121 -7.60 2.14 2.18
C GLY A 121 -8.82 3.01 2.38
N HIS A 122 -8.95 4.10 1.62
CA HIS A 122 -10.16 4.90 1.69
C HIS A 122 -11.38 4.14 1.19
N THR A 123 -11.18 3.15 0.34
CA THR A 123 -12.25 2.26 -0.11
C THR A 123 -11.77 0.82 -0.15
N VAL A 124 -12.44 -0.06 0.58
CA VAL A 124 -12.16 -1.50 0.50
C VAL A 124 -13.46 -2.30 0.58
N PRO A 125 -13.44 -3.54 0.10
CA PRO A 125 -14.64 -4.39 0.16
C PRO A 125 -15.20 -4.56 1.56
N LEU A 126 -16.53 -4.51 1.64
CA LEU A 126 -17.27 -4.52 2.90
C LEU A 126 -17.99 -5.83 3.19
N SER A 127 -17.98 -6.80 2.27
CA SER A 127 -18.75 -8.01 2.43
C SER A 127 -17.88 -9.24 2.26
N ASP A 128 -18.43 -10.39 2.68
CA ASP A 128 -17.74 -11.65 2.48
C ASP A 128 -17.66 -11.99 1.00
N GLY A 129 -18.78 -11.84 0.29
CA GLY A 129 -18.76 -12.03 -1.14
C GLY A 129 -17.91 -11.00 -1.85
N GLY A 130 -17.99 -9.74 -1.41
CA GLY A 130 -17.20 -8.70 -2.04
C GLY A 130 -15.71 -8.95 -1.88
N LYS A 131 -15.29 -9.41 -0.70
CA LYS A 131 -13.88 -9.69 -0.50
C LYS A 131 -13.45 -10.81 -1.42
N ALA A 132 -14.30 -11.81 -1.57
CA ALA A 132 -13.94 -12.97 -2.38
C ALA A 132 -13.73 -12.58 -3.83
N PHE A 133 -14.56 -11.67 -4.34
CA PHE A 133 -14.35 -11.24 -5.72
C PHE A 133 -13.08 -10.41 -5.81
N CYS A 134 -12.82 -9.59 -4.80
CA CYS A 134 -11.64 -8.72 -4.84
C CYS A 134 -10.38 -9.57 -4.89
N ILE A 135 -10.36 -10.68 -4.16
CA ILE A 135 -9.23 -11.60 -4.26
C ILE A 135 -9.13 -12.13 -5.68
N ILE A 136 -10.24 -12.65 -6.20
CA ILE A 136 -10.23 -13.22 -7.54
C ILE A 136 -9.93 -12.13 -8.55
N TYR A 137 -10.51 -10.95 -8.34
CA TYR A 137 -10.27 -9.85 -9.25
C TYR A 137 -8.82 -9.42 -9.19
N SER A 138 -8.20 -9.51 -8.02
CA SER A 138 -6.82 -9.08 -7.82
C SER A 138 -5.80 -10.20 -8.02
N VAL A 139 -6.23 -11.45 -8.12
CA VAL A 139 -5.30 -12.51 -8.51
C VAL A 139 -4.93 -12.38 -9.98
N ILE A 140 -5.92 -12.08 -10.82
CA ILE A 140 -5.70 -11.94 -12.25
C ILE A 140 -5.55 -10.47 -12.61
N GLY A 141 -6.21 -9.60 -11.84
CA GLY A 141 -6.13 -8.18 -12.14
C GLY A 141 -4.74 -7.61 -11.99
N ILE A 142 -4.07 -7.92 -10.88
CA ILE A 142 -2.78 -7.31 -10.60
C ILE A 142 -1.73 -7.77 -11.60
N PRO A 143 -1.61 -9.06 -11.91
CA PRO A 143 -0.64 -9.45 -12.94
C PRO A 143 -0.91 -8.79 -14.26
N PHE A 144 -2.19 -8.67 -14.61
CA PHE A 144 -2.57 -7.97 -15.83
C PHE A 144 -2.16 -6.52 -15.76
N THR A 145 -2.34 -5.89 -14.61
CA THR A 145 -1.94 -4.50 -14.45
C THR A 145 -0.43 -4.33 -14.43
N LEU A 146 0.31 -5.26 -13.83
CA LEU A 146 1.77 -5.17 -13.96
C LEU A 146 2.15 -5.24 -15.42
N LEU A 147 1.45 -6.07 -16.19
CA LEU A 147 1.70 -6.14 -17.62
C LEU A 147 1.39 -4.80 -18.27
N PHE A 148 0.30 -4.16 -17.84
CA PHE A 148 -0.08 -2.87 -18.40
C PHE A 148 0.94 -1.80 -18.09
N LEU A 149 1.35 -1.70 -16.83
CA LEU A 149 2.28 -0.64 -16.46
C LEU A 149 3.65 -0.88 -17.07
N THR A 150 4.06 -2.14 -17.16
CA THR A 150 5.37 -2.43 -17.73
C THR A 150 5.39 -2.07 -19.20
N ALA A 151 4.34 -2.43 -19.93
CA ALA A 151 4.29 -2.12 -21.35
C ALA A 151 4.24 -0.62 -21.57
N VAL A 152 3.41 0.09 -20.80
CA VAL A 152 3.32 1.53 -20.96
C VAL A 152 4.63 2.19 -20.58
N VAL A 153 5.26 1.70 -19.51
CA VAL A 153 6.56 2.23 -19.09
C VAL A 153 7.59 2.01 -20.19
N GLN A 154 7.58 0.84 -20.82
CA GLN A 154 8.58 0.52 -21.83
C GLN A 154 8.54 1.51 -22.99
N ARG A 155 7.35 1.95 -23.38
CA ARG A 155 7.24 2.92 -24.46
C ARG A 155 7.87 4.25 -24.09
N VAL A 156 7.61 4.73 -22.87
CA VAL A 156 8.11 6.02 -22.44
C VAL A 156 9.63 6.04 -22.38
N THR A 157 10.24 4.92 -21.97
CA THR A 157 11.71 4.88 -21.89
C THR A 157 12.32 5.18 -23.25
N VAL A 158 11.73 4.65 -24.32
CA VAL A 158 12.27 4.88 -25.66
C VAL A 158 12.24 6.37 -25.98
N HIS A 159 11.20 7.08 -25.55
CA HIS A 159 11.04 8.49 -25.92
C HIS A 159 11.76 9.47 -25.00
N VAL A 160 11.28 9.59 -23.76
CA VAL A 160 11.77 10.65 -22.87
C VAL A 160 13.25 10.44 -22.51
N THR A 161 13.67 9.19 -22.26
CA THR A 161 15.03 8.96 -21.77
C THR A 161 16.01 8.55 -22.86
N ARG A 162 15.64 7.59 -23.71
CA ARG A 162 16.61 7.12 -24.70
C ARG A 162 16.92 8.18 -25.75
N ARG A 163 15.92 8.92 -26.24
CA ARG A 163 16.18 9.85 -27.34
C ARG A 163 17.19 10.93 -26.97
N PRO A 164 17.10 11.59 -25.81
CA PRO A 164 18.11 12.64 -25.54
C PRO A 164 19.52 12.09 -25.50
N VAL A 165 19.70 10.89 -24.95
CA VAL A 165 21.05 10.32 -24.81
C VAL A 165 21.68 10.15 -26.19
N LEU A 166 20.89 9.66 -27.15
CA LEU A 166 21.42 9.47 -28.51
C LEU A 166 21.83 10.81 -29.12
N TYR A 167 21.00 11.85 -28.92
CA TYR A 167 21.32 13.15 -29.48
C TYR A 167 22.61 13.71 -28.88
N PHE A 168 22.81 13.54 -27.57
CA PHE A 168 24.00 14.10 -26.93
C PHE A 168 25.28 13.52 -27.50
N HIS A 169 25.31 12.19 -27.66
CA HIS A 169 26.53 11.53 -28.13
C HIS A 169 26.90 11.96 -29.55
N ILE A 170 25.90 12.02 -30.45
CA ILE A 170 26.18 12.35 -31.84
C ILE A 170 26.69 13.78 -31.96
N ARG A 171 26.04 14.72 -31.28
CA ARG A 171 26.42 16.12 -31.43
C ARG A 171 27.82 16.37 -30.88
N TRP A 172 28.12 15.83 -29.70
CA TRP A 172 29.39 16.09 -29.05
C TRP A 172 30.44 15.04 -29.35
N GLY A 173 30.02 13.84 -29.76
CA GLY A 173 30.93 12.81 -30.21
C GLY A 173 31.69 12.04 -29.16
N PHE A 174 31.43 12.23 -27.86
CA PHE A 174 32.17 11.40 -26.90
C PHE A 174 31.55 10.00 -26.83
N SER A 175 32.26 9.13 -26.11
CA SER A 175 31.90 7.71 -26.07
C SER A 175 30.48 7.46 -25.58
N LYS A 176 29.82 6.49 -26.21
CA LYS A 176 28.45 6.12 -25.85
C LYS A 176 28.36 5.60 -24.43
N GLN A 177 29.38 4.87 -23.98
CA GLN A 177 29.31 4.28 -22.64
C GLN A 177 29.24 5.36 -21.56
N VAL A 178 30.02 6.44 -21.72
CA VAL A 178 30.09 7.44 -20.66
C VAL A 178 28.91 8.41 -20.70
N VAL A 179 28.28 8.60 -21.86
CA VAL A 179 27.17 9.55 -21.94
C VAL A 179 25.97 9.03 -21.18
N ALA A 180 25.64 7.75 -21.34
CA ALA A 180 24.45 7.19 -20.71
C ALA A 180 24.52 7.30 -19.19
N ILE A 181 25.62 6.83 -18.60
CA ILE A 181 25.72 6.79 -17.15
C ILE A 181 25.71 8.20 -16.54
N VAL A 182 26.43 9.14 -17.15
CA VAL A 182 26.52 10.47 -16.55
C VAL A 182 25.20 11.23 -16.72
N HIS A 183 24.59 11.12 -17.90
CA HIS A 183 23.45 11.96 -18.25
C HIS A 183 22.11 11.31 -17.90
N ALA A 184 22.07 10.00 -17.66
CA ALA A 184 20.84 9.40 -17.17
C ALA A 184 20.48 10.00 -15.83
N VAL A 185 21.49 10.31 -15.02
CA VAL A 185 21.27 10.97 -13.73
C VAL A 185 20.63 12.33 -13.96
N LEU A 186 21.08 13.03 -15.01
CA LEU A 186 20.53 14.34 -15.33
C LEU A 186 19.06 14.24 -15.71
N LEU A 187 18.67 13.16 -16.38
CA LEU A 187 17.30 13.05 -16.85
C LEU A 187 16.33 12.76 -15.71
N GLY A 188 16.82 12.22 -14.60
CA GLY A 188 15.96 12.04 -13.44
C GLY A 188 15.47 13.34 -12.86
N PHE A 189 16.34 14.35 -12.81
CA PHE A 189 15.94 15.65 -12.26
C PHE A 189 14.79 16.24 -13.06
N VAL A 190 14.81 16.06 -14.38
CA VAL A 190 13.71 16.56 -15.20
C VAL A 190 12.42 15.87 -14.77
N THR A 191 12.45 14.55 -14.67
CA THR A 191 11.26 13.81 -14.26
C THR A 191 10.84 14.17 -12.84
N VAL A 192 11.82 14.33 -11.94
CA VAL A 192 11.51 14.62 -10.55
C VAL A 192 10.76 15.93 -10.43
N SER A 193 11.27 16.97 -11.09
CA SER A 193 10.61 18.27 -11.03
C SER A 193 9.26 18.22 -11.70
N CYS A 194 9.16 17.52 -12.83
CA CYS A 194 7.90 17.47 -13.57
C CYS A 194 6.81 16.79 -12.77
N PHE A 195 7.17 15.78 -11.96
CA PHE A 195 6.19 14.98 -11.26
C PHE A 195 6.14 15.21 -9.76
N PHE A 196 7.06 15.99 -9.18
CA PHE A 196 6.99 16.33 -7.76
C PHE A 196 6.73 17.82 -7.53
N PHE A 197 7.62 18.69 -7.98
CA PHE A 197 7.54 20.09 -7.59
C PHE A 197 6.34 20.77 -8.21
N ILE A 198 6.16 20.60 -9.52
CA ILE A 198 5.07 21.25 -10.23
C ILE A 198 3.77 20.62 -9.74
N PRO A 199 3.66 19.29 -9.66
CA PRO A 199 2.46 18.71 -9.07
C PRO A 199 2.26 19.08 -7.64
N ALA A 200 3.33 19.23 -6.87
CA ALA A 200 3.16 19.67 -5.49
C ALA A 200 2.48 21.02 -5.46
N ALA A 201 2.87 21.92 -6.36
CA ALA A 201 2.19 23.21 -6.42
C ALA A 201 0.74 23.06 -6.88
N VAL A 202 0.51 22.17 -7.84
CA VAL A 202 -0.85 21.97 -8.35
C VAL A 202 -1.76 21.47 -7.25
N PHE A 203 -1.29 20.49 -6.49
CA PHE A 203 -2.07 19.94 -5.40
C PHE A 203 -2.24 20.97 -4.30
N SER A 204 -1.21 21.79 -4.06
CA SER A 204 -1.32 22.88 -3.09
C SER A 204 -2.35 23.91 -3.50
N VAL A 205 -2.69 23.98 -4.79
CA VAL A 205 -3.74 24.89 -5.23
C VAL A 205 -5.12 24.24 -5.17
N LEU A 206 -5.25 22.99 -5.62
CA LEU A 206 -6.56 22.36 -5.64
C LEU A 206 -7.04 22.02 -4.23
N GLU A 207 -6.16 21.46 -3.39
CA GLU A 207 -6.52 21.14 -2.01
C GLU A 207 -6.14 22.32 -1.13
N ASP A 208 -7.15 23.04 -0.65
CA ASP A 208 -6.91 24.23 0.13
C ASP A 208 -6.33 23.88 1.50
N ASP A 209 -6.81 22.81 2.11
CA ASP A 209 -6.41 22.44 3.46
C ASP A 209 -5.02 21.80 3.53
N TRP A 210 -4.33 21.61 2.41
CA TRP A 210 -2.98 21.09 2.41
C TRP A 210 -1.96 22.22 2.32
N ASN A 211 -0.75 21.94 2.79
CA ASN A 211 0.40 22.80 2.63
C ASN A 211 1.20 22.28 1.44
N PHE A 212 2.46 22.68 1.32
CA PHE A 212 3.29 22.13 0.26
C PHE A 212 3.98 20.87 0.72
N LEU A 213 4.34 20.80 2.00
CA LEU A 213 5.09 19.66 2.50
C LEU A 213 4.23 18.41 2.47
N GLU A 214 2.98 18.54 2.93
CA GLU A 214 2.09 17.39 2.93
C GLU A 214 1.82 16.94 1.51
N SER A 215 1.68 17.87 0.58
CA SER A 215 1.46 17.52 -0.82
C SER A 215 2.65 16.78 -1.39
N PHE A 216 3.87 17.22 -1.07
CA PHE A 216 5.05 16.51 -1.55
C PHE A 216 5.10 15.13 -0.93
N TYR A 217 4.72 15.03 0.34
CA TYR A 217 4.68 13.72 1.01
C TYR A 217 3.68 12.80 0.33
N PHE A 218 2.53 13.34 -0.05
CA PHE A 218 1.49 12.53 -0.67
C PHE A 218 1.94 12.06 -2.04
N CYS A 219 2.59 12.94 -2.79
CA CYS A 219 3.07 12.58 -4.10
C CYS A 219 4.16 11.52 -4.02
N PHE A 220 5.07 11.65 -3.07
CA PHE A 220 6.06 10.59 -2.87
C PHE A 220 5.43 9.27 -2.48
N ILE A 221 4.53 9.25 -1.51
CA ILE A 221 4.00 7.96 -1.09
C ILE A 221 3.17 7.33 -2.22
N SER A 222 2.36 8.13 -2.93
CA SER A 222 1.52 7.58 -3.97
C SER A 222 2.34 7.01 -5.12
N LEU A 223 3.30 7.77 -5.62
CA LEU A 223 4.09 7.25 -6.73
C LEU A 223 4.96 6.08 -6.29
N SER A 224 5.51 6.16 -5.08
CA SER A 224 6.30 5.06 -4.54
C SER A 224 5.48 3.79 -4.34
N THR A 225 4.16 3.90 -4.29
CA THR A 225 3.13 2.86 -4.12
C THR A 225 2.85 2.56 -2.66
N ILE A 226 3.45 3.27 -1.70
CA ILE A 226 3.19 2.95 -0.30
C ILE A 226 1.71 3.12 0.02
N GLY A 227 1.10 4.15 -0.53
CA GLY A 227 -0.32 4.35 -0.39
C GLY A 227 -0.79 4.35 1.05
N LEU A 228 -0.08 5.09 1.89
CA LEU A 228 -0.39 5.09 3.31
C LEU A 228 -1.83 5.46 3.58
N GLY A 229 -2.41 6.32 2.76
CA GLY A 229 -3.80 6.70 2.94
C GLY A 229 -4.07 7.84 3.90
N ASP A 230 -3.03 8.48 4.46
CA ASP A 230 -3.29 9.68 5.26
C ASP A 230 -3.60 10.90 4.41
N TYR A 231 -3.16 10.91 3.16
CA TYR A 231 -3.48 11.95 2.18
C TYR A 231 -4.17 11.33 0.98
N VAL A 232 -5.45 11.67 0.80
CA VAL A 232 -6.21 11.19 -0.34
C VAL A 232 -6.93 12.36 -0.98
N PRO A 233 -6.88 12.54 -2.30
CA PRO A 233 -7.59 13.65 -2.92
C PRO A 233 -9.06 13.31 -3.21
N GLY A 234 -9.83 14.36 -3.48
CA GLY A 234 -11.21 14.20 -3.84
C GLY A 234 -12.17 14.29 -2.69
N GLU A 235 -11.71 14.72 -1.53
CA GLU A 235 -12.50 14.75 -0.32
C GLU A 235 -13.24 16.08 -0.13
N GLY A 236 -13.01 17.05 -1.01
CA GLY A 236 -13.73 18.31 -1.00
C GLY A 236 -15.24 18.13 -0.84
N TYR A 237 -15.82 18.86 0.10
CA TYR A 237 -17.23 18.66 0.44
C TYR A 237 -18.10 19.18 -0.70
N ASN A 238 -18.78 18.26 -1.37
CA ASN A 238 -19.61 18.55 -2.54
C ASN A 238 -18.89 19.49 -3.51
N GLN A 239 -17.64 19.16 -3.80
CA GLN A 239 -16.83 19.99 -4.68
C GLN A 239 -17.38 19.96 -6.10
N LYS A 240 -17.04 21.01 -6.86
CA LYS A 240 -17.69 21.27 -8.14
C LYS A 240 -17.44 20.17 -9.18
N PHE A 241 -16.20 19.65 -9.26
CA PHE A 241 -15.84 18.70 -10.33
C PHE A 241 -15.40 17.33 -9.83
N ARG A 242 -16.20 16.69 -8.98
CA ARG A 242 -15.79 15.44 -8.37
C ARG A 242 -15.47 14.34 -9.37
N GLU A 243 -16.17 14.31 -10.49
CA GLU A 243 -15.96 13.18 -11.40
C GLU A 243 -14.74 13.43 -12.27
N LEU A 244 -14.68 14.62 -12.87
CA LEU A 244 -13.52 14.95 -13.67
C LEU A 244 -12.28 14.98 -12.80
N TYR A 245 -12.44 15.38 -11.53
CA TYR A 245 -11.27 15.47 -10.66
C TYR A 245 -10.81 14.09 -10.23
N LYS A 246 -11.74 13.17 -9.96
CA LYS A 246 -11.33 11.84 -9.55
C LYS A 246 -10.64 11.14 -10.71
N ILE A 247 -11.09 11.40 -11.94
CA ILE A 247 -10.45 10.74 -13.07
C ILE A 247 -9.14 11.43 -13.43
N GLY A 248 -9.02 12.73 -13.16
CA GLY A 248 -7.77 13.40 -13.41
C GLY A 248 -6.71 12.96 -12.43
N ILE A 249 -7.08 12.81 -11.17
CA ILE A 249 -6.14 12.29 -10.18
C ILE A 249 -5.79 10.84 -10.49
N THR A 250 -6.75 10.06 -10.97
CA THR A 250 -6.42 8.70 -11.38
C THR A 250 -5.37 8.70 -12.49
N CYS A 251 -5.55 9.58 -13.47
CA CYS A 251 -4.62 9.61 -14.58
C CYS A 251 -3.27 10.13 -14.13
N TYR A 252 -3.26 11.08 -13.20
CA TYR A 252 -2.00 11.56 -12.66
C TYR A 252 -1.29 10.47 -11.87
N LEU A 253 -2.04 9.61 -11.18
CA LEU A 253 -1.39 8.62 -10.35
C LEU A 253 -0.81 7.52 -11.20
N LEU A 254 -1.48 7.15 -12.29
CA LEU A 254 -0.78 6.27 -13.21
C LEU A 254 0.41 6.98 -13.81
N LEU A 255 0.26 8.23 -14.22
CA LEU A 255 1.36 8.93 -14.89
C LEU A 255 2.57 8.98 -13.98
N GLY A 256 2.36 9.24 -12.71
CA GLY A 256 3.46 9.21 -11.77
C GLY A 256 4.06 7.82 -11.65
N LEU A 257 3.22 6.79 -11.63
CA LEU A 257 3.74 5.43 -11.55
C LEU A 257 4.58 5.08 -12.76
N ILE A 258 4.12 5.47 -13.95
CA ILE A 258 4.90 5.24 -15.17
C ILE A 258 6.20 6.03 -15.13
N ALA A 259 6.17 7.25 -14.63
CA ALA A 259 7.38 8.05 -14.74
C ALA A 259 8.41 7.68 -13.68
N MET A 260 7.98 7.09 -12.57
CA MET A 260 8.95 6.60 -11.61
C MET A 260 9.33 5.16 -11.87
N LEU A 261 8.56 4.43 -12.66
CA LEU A 261 9.08 3.16 -13.10
C LEU A 261 10.07 3.37 -14.23
N VAL A 262 10.00 4.52 -14.91
CA VAL A 262 11.02 4.86 -15.89
C VAL A 262 12.28 5.35 -15.18
N VAL A 263 12.11 6.19 -14.17
CA VAL A 263 13.28 6.67 -13.43
C VAL A 263 13.95 5.51 -12.71
N LEU A 264 13.16 4.62 -12.12
CA LEU A 264 13.76 3.51 -11.40
C LEU A 264 14.35 2.48 -12.36
N GLU A 265 13.78 2.35 -13.56
CA GLU A 265 14.40 1.50 -14.58
C GLU A 265 15.75 2.07 -15.00
N THR A 266 15.84 3.39 -15.12
CA THR A 266 17.09 4.00 -15.56
C THR A 266 18.14 3.95 -14.45
N PHE A 267 17.73 4.20 -13.21
CA PHE A 267 18.67 4.07 -12.09
C PHE A 267 19.14 2.63 -11.95
N CYS A 268 18.23 1.67 -12.12
CA CYS A 268 18.65 0.27 -12.09
C CYS A 268 19.60 -0.02 -13.24
N GLU A 269 19.34 0.59 -14.40
CA GLU A 269 20.23 0.40 -15.55
C GLU A 269 21.61 0.99 -15.28
N LEU A 270 21.68 2.05 -14.48
CA LEU A 270 22.95 2.73 -14.24
C LEU A 270 24.01 1.78 -13.71
N HIS A 271 25.21 1.92 -14.25
CA HIS A 271 26.31 1.03 -13.88
C HIS A 271 26.59 1.12 -12.39
N GLU A 272 26.58 2.34 -11.82
CA GLU A 272 26.93 2.51 -10.42
C GLU A 272 25.94 1.79 -9.51
N LEU A 273 24.64 1.98 -9.75
CA LEU A 273 23.63 1.33 -8.91
C LEU A 273 23.65 -0.18 -9.12
N LYS A 274 23.89 -0.59 -10.36
CA LYS A 274 23.94 -2.00 -10.71
C LYS A 274 25.07 -2.68 -9.93
N LYS A 275 26.22 -2.01 -9.82
CA LYS A 275 27.33 -2.57 -9.07
C LYS A 275 26.96 -2.74 -7.61
N PHE A 276 26.23 -1.77 -7.06
CA PHE A 276 25.81 -1.86 -5.66
C PHE A 276 24.96 -3.10 -5.47
N ARG A 277 24.05 -3.38 -6.41
CA ARG A 277 23.21 -4.57 -6.30
C ARG A 277 24.09 -5.82 -6.35
N LYS A 278 25.06 -5.83 -7.27
CA LYS A 278 25.94 -6.99 -7.41
C LYS A 278 26.72 -7.22 -6.12
N MET A 279 27.18 -6.14 -5.49
CA MET A 279 27.97 -6.21 -4.27
C MET A 279 27.16 -6.78 -3.11
N PHE A 280 25.91 -6.35 -2.97
CA PHE A 280 25.09 -6.70 -1.82
C PHE A 280 24.10 -7.81 -2.19
N GLY B 24 -1.70 -0.06 -27.12
CA GLY B 24 -2.88 0.34 -27.88
C GLY B 24 -4.09 -0.49 -27.54
N PHE B 25 -4.12 -1.70 -28.10
CA PHE B 25 -5.21 -2.62 -27.81
C PHE B 25 -5.26 -2.97 -26.33
N LEU B 26 -4.11 -3.23 -25.72
CA LEU B 26 -4.07 -3.53 -24.29
C LEU B 26 -4.54 -2.35 -23.46
N VAL B 27 -4.06 -1.15 -23.79
CA VAL B 27 -4.38 0.02 -22.98
C VAL B 27 -5.88 0.22 -22.94
N LEU B 28 -6.54 0.07 -24.09
CA LEU B 28 -7.99 0.14 -24.10
C LEU B 28 -8.57 -1.00 -23.29
N GLY B 29 -7.99 -2.19 -23.42
CA GLY B 29 -8.47 -3.33 -22.66
C GLY B 29 -8.30 -3.11 -21.17
N TYR B 30 -7.17 -2.55 -20.76
CA TYR B 30 -6.96 -2.26 -19.35
C TYR B 30 -7.99 -1.25 -18.86
N LEU B 31 -8.20 -0.20 -19.64
CA LEU B 31 -9.22 0.77 -19.26
C LEU B 31 -10.58 0.10 -19.26
N LEU B 32 -10.83 -0.77 -20.23
CA LEU B 32 -12.07 -1.52 -20.24
C LEU B 32 -12.16 -2.42 -19.02
N TYR B 33 -11.03 -3.00 -18.63
CA TYR B 33 -11.01 -3.92 -17.50
C TYR B 33 -11.40 -3.23 -16.22
N LEU B 34 -10.88 -2.02 -15.99
CA LEU B 34 -11.31 -1.26 -14.82
C LEU B 34 -12.78 -0.90 -14.91
N VAL B 35 -13.24 -0.57 -16.12
CA VAL B 35 -14.66 -0.30 -16.32
C VAL B 35 -15.46 -1.54 -15.98
N PHE B 36 -14.97 -2.71 -16.41
CA PHE B 36 -15.63 -3.95 -16.02
C PHE B 36 -15.51 -4.15 -14.51
N GLY B 37 -14.38 -3.76 -13.93
CA GLY B 37 -14.22 -3.85 -12.49
C GLY B 37 -15.15 -2.94 -11.73
N ALA B 38 -15.35 -1.73 -12.25
CA ALA B 38 -16.15 -0.75 -11.52
C ALA B 38 -17.62 -1.09 -11.52
N VAL B 39 -18.10 -1.74 -12.58
CA VAL B 39 -19.51 -2.09 -12.67
C VAL B 39 -19.80 -3.30 -11.80
N VAL B 40 -18.89 -4.27 -11.79
CA VAL B 40 -19.10 -5.47 -10.99
C VAL B 40 -19.05 -5.13 -9.50
N PHE B 41 -18.12 -4.26 -9.10
CA PHE B 41 -18.11 -3.80 -7.72
C PHE B 41 -19.37 -3.00 -7.42
N SER B 42 -19.81 -2.20 -8.38
CA SER B 42 -21.08 -1.52 -8.24
C SER B 42 -22.24 -2.52 -8.19
N SER B 43 -22.07 -3.69 -8.83
CA SER B 43 -23.16 -4.66 -8.81
C SER B 43 -23.21 -5.46 -7.52
N VAL B 44 -22.06 -5.71 -6.89
CA VAL B 44 -21.97 -6.55 -5.70
C VAL B 44 -21.61 -5.75 -4.46
N GLU B 45 -20.52 -4.99 -4.51
CA GLU B 45 -20.07 -4.25 -3.32
C GLU B 45 -20.99 -3.10 -2.98
N LEU B 46 -21.43 -2.35 -4.00
CA LEU B 46 -22.21 -1.15 -3.74
C LEU B 46 -23.51 -1.42 -3.01
N PRO B 47 -24.29 -2.45 -3.34
CA PRO B 47 -25.49 -2.71 -2.53
C PRO B 47 -25.15 -2.98 -1.08
N TYR B 48 -24.08 -3.74 -0.80
CA TYR B 48 -23.65 -3.91 0.58
C TYR B 48 -23.18 -2.58 1.16
N GLU B 49 -22.44 -1.80 0.36
CA GLU B 49 -21.98 -0.51 0.84
C GLU B 49 -23.14 0.43 1.07
N ASP B 50 -24.10 0.43 0.15
CA ASP B 50 -25.29 1.24 0.37
C ASP B 50 -25.98 0.78 1.64
N LEU B 51 -25.98 -0.53 1.86
CA LEU B 51 -26.56 -1.09 3.08
C LEU B 51 -25.77 -0.63 4.30
N LEU B 52 -24.44 -0.71 4.25
CA LEU B 52 -23.66 -0.28 5.41
C LEU B 52 -23.67 1.22 5.55
N ARG B 53 -23.58 1.94 4.44
CA ARG B 53 -23.65 3.39 4.51
C ARG B 53 -25.03 3.82 4.97
N GLN B 54 -26.07 3.07 4.57
CA GLN B 54 -27.40 3.32 5.11
C GLN B 54 -27.47 2.93 6.58
N GLU B 55 -26.78 1.85 6.97
CA GLU B 55 -26.80 1.40 8.36
C GLU B 55 -25.76 2.12 9.22
N LEU B 56 -24.73 2.68 8.62
CA LEU B 56 -23.78 3.48 9.39
C LEU B 56 -24.38 4.87 9.59
N ARG B 57 -25.06 5.38 8.56
CA ARG B 57 -25.82 6.60 8.77
C ARG B 57 -26.93 6.34 9.78
N LYS B 58 -27.46 5.13 9.79
CA LYS B 58 -28.38 4.75 10.84
C LYS B 58 -27.67 4.74 12.18
N LEU B 59 -26.42 4.26 12.18
CA LEU B 59 -25.62 4.29 13.41
C LEU B 59 -25.32 5.72 13.83
N LYS B 60 -25.13 6.60 12.86
CA LYS B 60 -24.93 8.01 13.18
C LYS B 60 -26.14 8.56 13.89
N ARG B 61 -27.33 8.23 13.39
CA ARG B 61 -28.55 8.78 13.96
C ARG B 61 -28.99 8.01 15.20
N ARG B 62 -28.55 6.76 15.37
CA ARG B 62 -28.80 6.11 16.63
C ARG B 62 -27.92 6.70 17.72
N PHE B 63 -26.64 6.89 17.39
CA PHE B 63 -25.71 7.42 18.38
C PHE B 63 -26.11 8.83 18.78
N LEU B 64 -26.49 9.64 17.79
CA LEU B 64 -26.95 10.99 18.07
C LEU B 64 -28.32 10.98 18.76
N GLU B 65 -29.21 10.06 18.36
CA GLU B 65 -30.51 10.00 19.00
C GLU B 65 -30.36 9.62 20.47
N GLU B 66 -29.48 8.66 20.76
CA GLU B 66 -29.26 8.24 22.14
C GLU B 66 -28.74 9.41 22.97
N HIS B 67 -27.73 10.10 22.45
CA HIS B 67 -27.12 11.22 23.16
C HIS B 67 -27.76 12.53 22.69
N GLU B 68 -28.93 12.81 23.26
CA GLU B 68 -29.62 14.06 22.95
C GLU B 68 -28.78 15.27 23.30
N CYS B 69 -28.01 15.18 24.39
CA CYS B 69 -27.09 16.25 24.75
C CYS B 69 -26.15 16.57 23.58
N LEU B 70 -25.57 15.52 23.01
CA LEU B 70 -24.63 15.64 21.90
C LEU B 70 -25.29 16.24 20.66
N SER B 71 -24.54 17.10 19.97
CA SER B 71 -25.01 17.80 18.79
C SER B 71 -24.14 17.46 17.57
N GLU B 72 -24.73 17.63 16.39
CA GLU B 72 -24.09 17.24 15.14
C GLU B 72 -22.79 17.98 14.81
N PRO B 73 -22.72 19.33 14.87
CA PRO B 73 -21.48 20.00 14.42
C PRO B 73 -20.24 19.76 15.26
N GLN B 74 -20.36 19.84 16.58
CA GLN B 74 -19.18 19.61 17.42
C GLN B 74 -18.69 18.18 17.23
N LEU B 75 -19.62 17.25 17.16
CA LEU B 75 -19.27 15.87 16.87
C LEU B 75 -18.59 15.77 15.51
N GLU B 76 -19.04 16.55 14.54
CA GLU B 76 -18.44 16.52 13.22
C GLU B 76 -16.97 16.92 13.30
N GLN B 77 -16.69 17.96 14.09
CA GLN B 77 -15.30 18.40 14.29
C GLN B 77 -14.49 17.35 15.04
N PHE B 78 -15.07 16.77 16.07
CA PHE B 78 -14.38 15.77 16.86
C PHE B 78 -14.00 14.57 16.00
N LEU B 79 -14.96 14.02 15.26
CA LEU B 79 -14.62 12.93 14.34
C LEU B 79 -13.69 13.38 13.24
N GLY B 80 -13.73 14.66 12.86
CA GLY B 80 -12.76 15.13 11.88
C GLY B 80 -11.35 14.90 12.37
N ARG B 81 -11.13 15.23 13.64
CA ARG B 81 -9.80 15.00 14.21
C ARG B 81 -9.55 13.52 14.45
N VAL B 82 -10.50 12.84 15.10
CA VAL B 82 -10.31 11.43 15.45
C VAL B 82 -9.96 10.60 14.23
N LEU B 83 -10.74 10.75 13.14
CA LEU B 83 -10.45 9.99 11.94
C LEU B 83 -9.21 10.50 11.23
N GLU B 84 -8.88 11.78 11.37
CA GLU B 84 -7.61 12.22 10.79
C GLU B 84 -6.47 11.50 11.48
N ALA B 85 -6.49 11.50 12.81
CA ALA B 85 -5.48 10.78 13.57
C ALA B 85 -5.47 9.30 13.19
N SER B 86 -6.66 8.69 13.09
CA SER B 86 -6.73 7.28 12.74
C SER B 86 -6.09 7.04 11.40
N ASN B 87 -6.35 7.94 10.46
CA ASN B 87 -5.66 7.85 9.19
C ASN B 87 -4.17 8.01 9.43
N TYR B 88 -3.82 8.91 10.34
CA TYR B 88 -2.43 9.21 10.69
C TYR B 88 -1.81 8.11 11.56
N GLY B 89 -2.61 7.19 12.09
CA GLY B 89 -2.13 6.01 12.80
C GLY B 89 -2.52 5.94 14.27
N VAL B 90 -2.75 7.08 14.91
CA VAL B 90 -2.97 7.08 16.35
C VAL B 90 -4.40 6.69 16.71
N SER B 91 -4.71 5.41 16.61
CA SER B 91 -5.98 4.88 17.06
C SER B 91 -6.33 5.44 18.43
N VAL B 92 -7.56 5.92 18.56
CA VAL B 92 -8.05 6.51 19.81
C VAL B 92 -8.61 5.41 20.71
N LEU B 93 -8.26 4.16 20.42
CA LEU B 93 -8.82 3.02 21.13
C LEU B 93 -7.90 2.59 22.26
N SER B 94 -8.40 1.66 23.08
CA SER B 94 -7.65 1.11 24.21
C SER B 94 -7.27 2.21 25.20
N ASN B 95 -8.23 3.10 25.49
CA ASN B 95 -8.03 4.21 26.43
C ASN B 95 -6.84 5.10 26.04
N ALA B 96 -6.43 5.01 24.77
CA ALA B 96 -5.24 5.63 24.16
C ALA B 96 -3.96 4.95 24.65
N SER B 97 -3.92 4.52 25.91
CA SER B 97 -2.76 3.80 26.44
C SER B 97 -2.81 2.36 25.98
N GLY B 98 -2.98 2.12 24.68
CA GLY B 98 -2.97 0.76 24.20
C GLY B 98 -1.57 0.33 23.85
N ASN B 99 -1.33 0.11 22.57
CA ASN B 99 0.00 -0.27 22.14
C ASN B 99 0.74 0.98 21.70
N TRP B 100 2.06 0.98 21.89
CA TRP B 100 2.86 2.13 21.45
C TRP B 100 3.15 2.03 19.96
N ASN B 101 2.44 2.86 19.18
CA ASN B 101 2.59 2.96 17.74
C ASN B 101 4.05 3.00 17.33
N TRP B 102 4.85 3.77 18.08
CA TRP B 102 6.28 3.88 17.85
C TRP B 102 7.08 3.41 19.08
N ASP B 103 7.52 2.17 18.98
CA ASP B 103 8.42 1.52 19.91
C ASP B 103 9.27 0.63 19.03
N PHE B 104 10.45 0.24 19.53
CA PHE B 104 11.41 -0.49 18.70
C PHE B 104 10.75 -1.58 17.86
N THR B 105 9.85 -2.36 18.45
CA THR B 105 9.20 -3.43 17.71
C THR B 105 8.19 -2.85 16.72
N SER B 106 7.29 -1.97 17.21
CA SER B 106 6.27 -1.42 16.34
C SER B 106 6.91 -0.57 15.26
N ALA B 107 7.94 0.17 15.61
CA ALA B 107 8.61 0.98 14.61
C ALA B 107 9.35 0.10 13.62
N LEU B 108 9.87 -1.03 14.10
CA LEU B 108 10.47 -2.01 13.21
C LEU B 108 9.43 -2.56 12.24
N PHE B 109 8.17 -2.53 12.66
CA PHE B 109 7.10 -3.05 11.83
C PHE B 109 6.66 -1.99 10.84
N PHE B 110 6.59 -0.74 11.29
CA PHE B 110 6.26 0.35 10.39
C PHE B 110 7.31 0.46 9.31
N ALA B 111 8.57 0.29 9.71
CA ALA B 111 9.65 0.44 8.75
C ALA B 111 9.69 -0.73 7.79
N SER B 112 9.33 -1.93 8.26
CA SER B 112 9.24 -3.04 7.33
C SER B 112 8.11 -2.82 6.33
N THR B 113 6.98 -2.30 6.80
CA THR B 113 5.84 -2.12 5.90
C THR B 113 6.09 -1.00 4.90
N VAL B 114 6.69 0.09 5.34
CA VAL B 114 6.88 1.23 4.45
C VAL B 114 8.00 0.93 3.48
N LEU B 115 8.99 0.18 3.92
CA LEU B 115 10.03 -0.26 3.01
C LEU B 115 9.51 -1.31 2.04
N SER B 116 8.63 -2.19 2.50
CA SER B 116 8.03 -3.20 1.64
C SER B 116 6.85 -2.69 0.83
N THR B 117 6.48 -1.41 1.00
CA THR B 117 5.43 -0.69 0.29
C THR B 117 4.04 -1.06 0.80
N THR B 118 3.90 -2.06 1.66
CA THR B 118 2.59 -2.45 2.18
C THR B 118 1.81 -1.24 2.69
N GLY B 119 2.44 -0.43 3.51
CA GLY B 119 1.82 0.79 3.97
C GLY B 119 0.44 0.60 4.57
N TYR B 120 0.34 -0.19 5.62
CA TYR B 120 -0.96 -0.48 6.22
C TYR B 120 -1.68 0.80 6.62
N GLY B 121 -0.94 1.81 7.05
CA GLY B 121 -1.53 3.05 7.49
C GLY B 121 -1.89 3.07 8.96
N HIS B 122 -1.71 1.97 9.66
CA HIS B 122 -1.92 1.97 11.10
C HIS B 122 -0.92 2.85 11.83
N THR B 123 0.24 3.07 11.23
CA THR B 123 1.24 4.00 11.77
C THR B 123 1.85 4.80 10.64
N VAL B 124 1.75 6.14 10.72
CA VAL B 124 2.44 7.03 9.79
C VAL B 124 2.97 8.25 10.51
N PRO B 125 3.96 8.92 9.92
CA PRO B 125 4.52 10.13 10.53
C PRO B 125 3.49 11.21 10.82
N LEU B 126 3.64 11.84 11.99
CA LEU B 126 2.69 12.81 12.52
C LEU B 126 3.18 14.24 12.48
N SER B 127 4.42 14.50 12.06
CA SER B 127 4.99 15.83 12.13
C SER B 127 5.55 16.25 10.78
N ASP B 128 5.82 17.55 10.66
CA ASP B 128 6.45 18.07 9.44
C ASP B 128 7.87 17.55 9.33
N GLY B 129 8.61 17.61 10.43
CA GLY B 129 9.95 17.04 10.45
C GLY B 129 9.93 15.54 10.27
N GLY B 130 8.98 14.87 10.92
CA GLY B 130 8.90 13.42 10.80
C GLY B 130 8.60 12.99 9.38
N LYS B 131 7.72 13.71 8.70
CA LYS B 131 7.42 13.36 7.32
C LYS B 131 8.66 13.53 6.46
N ALA B 132 9.42 14.59 6.71
CA ALA B 132 10.58 14.87 5.91
C ALA B 132 11.63 13.78 6.05
N PHE B 133 11.79 13.24 7.25
CA PHE B 133 12.74 12.15 7.39
C PHE B 133 12.21 10.90 6.71
N CYS B 134 10.90 10.67 6.81
CA CYS B 134 10.32 9.48 6.21
C CYS B 134 10.54 9.48 4.71
N ILE B 135 10.41 10.66 4.08
CA ILE B 135 10.71 10.75 2.66
C ILE B 135 12.18 10.41 2.42
N ILE B 136 13.07 11.05 3.18
CA ILE B 136 14.50 10.80 3.00
C ILE B 136 14.81 9.36 3.35
N TYR B 137 14.19 8.87 4.42
CA TYR B 137 14.41 7.49 4.82
C TYR B 137 13.90 6.53 3.77
N SER B 138 12.82 6.89 3.10
CA SER B 138 12.20 6.03 2.11
C SER B 138 12.71 6.27 0.69
N VAL B 139 13.45 7.35 0.45
CA VAL B 139 14.10 7.50 -0.85
C VAL B 139 15.26 6.52 -0.98
N ILE B 140 16.03 6.35 0.09
CA ILE B 140 17.16 5.44 0.08
C ILE B 140 16.76 4.11 0.72
N GLY B 141 15.81 4.16 1.64
CA GLY B 141 15.41 2.92 2.31
C GLY B 141 14.75 1.93 1.37
N ILE B 142 13.81 2.39 0.55
CA ILE B 142 13.05 1.48 -0.30
C ILE B 142 13.94 0.83 -1.35
N PRO B 143 14.78 1.58 -2.06
CA PRO B 143 15.69 0.91 -3.02
C PRO B 143 16.58 -0.11 -2.34
N PHE B 144 17.05 0.23 -1.14
CA PHE B 144 17.86 -0.70 -0.38
C PHE B 144 17.05 -1.93 -0.03
N THR B 145 15.78 -1.74 0.35
CA THR B 145 14.93 -2.88 0.68
C THR B 145 14.57 -3.69 -0.54
N LEU B 146 14.34 -3.06 -1.69
CA LEU B 146 14.15 -3.85 -2.90
C LEU B 146 15.37 -4.71 -3.15
N LEU B 147 16.55 -4.15 -2.90
CA LEU B 147 17.78 -4.92 -3.02
C LEU B 147 17.77 -6.08 -2.03
N PHE B 148 17.31 -5.82 -0.81
CA PHE B 148 17.27 -6.87 0.20
C PHE B 148 16.31 -7.98 -0.19
N LEU B 149 15.10 -7.63 -0.60
CA LEU B 149 14.12 -8.67 -0.92
C LEU B 149 14.51 -9.43 -2.16
N THR B 150 15.09 -8.74 -3.13
CA THR B 150 15.48 -9.42 -4.36
C THR B 150 16.59 -10.42 -4.09
N ALA B 151 17.59 -10.01 -3.29
CA ALA B 151 18.68 -10.92 -2.98
C ALA B 151 18.18 -12.11 -2.18
N VAL B 152 17.33 -11.86 -1.18
CA VAL B 152 16.82 -12.96 -0.36
C VAL B 152 15.95 -13.87 -1.22
N VAL B 153 15.14 -13.28 -2.09
CA VAL B 153 14.29 -14.06 -2.98
C VAL B 153 15.15 -14.92 -3.89
N GLN B 154 16.25 -14.37 -4.41
CA GLN B 154 17.08 -15.09 -5.36
C GLN B 154 17.64 -16.38 -4.75
N ARG B 155 17.99 -16.33 -3.46
CA ARG B 155 18.50 -17.53 -2.79
C ARG B 155 17.44 -18.61 -2.72
N VAL B 156 16.22 -18.24 -2.36
CA VAL B 156 15.15 -19.22 -2.18
C VAL B 156 14.81 -19.91 -3.50
N THR B 157 14.87 -19.17 -4.61
CA THR B 157 14.55 -19.79 -5.90
C THR B 157 15.48 -20.96 -6.18
N VAL B 158 16.75 -20.82 -5.85
CA VAL B 158 17.71 -21.90 -6.09
C VAL B 158 17.31 -23.14 -5.31
N HIS B 159 16.80 -22.97 -4.09
CA HIS B 159 16.49 -24.12 -3.22
C HIS B 159 15.11 -24.71 -3.44
N VAL B 160 14.06 -23.97 -3.06
CA VAL B 160 12.71 -24.55 -3.04
C VAL B 160 12.23 -24.91 -4.45
N THR B 161 12.51 -24.06 -5.45
CA THR B 161 11.94 -24.27 -6.79
C THR B 161 12.91 -24.96 -7.75
N ARG B 162 14.16 -24.51 -7.83
CA ARG B 162 15.06 -25.09 -8.81
C ARG B 162 15.41 -26.54 -8.48
N ARG B 163 15.68 -26.85 -7.21
CA ARG B 163 16.16 -28.20 -6.88
C ARG B 163 15.16 -29.29 -7.26
N PRO B 164 13.86 -29.18 -6.96
CA PRO B 164 12.94 -30.26 -7.33
C PRO B 164 12.91 -30.50 -8.83
N VAL B 165 12.95 -29.43 -9.62
CA VAL B 165 12.85 -29.57 -11.08
C VAL B 165 14.02 -30.42 -11.59
N LEU B 166 15.22 -30.16 -11.08
CA LEU B 166 16.39 -30.93 -11.51
C LEU B 166 16.22 -32.41 -11.15
N TYR B 167 15.72 -32.70 -9.96
CA TYR B 167 15.54 -34.08 -9.54
C TYR B 167 14.54 -34.80 -10.43
N PHE B 168 13.43 -34.12 -10.79
CA PHE B 168 12.40 -34.77 -11.60
C PHE B 168 12.94 -35.21 -12.95
N HIS B 169 13.69 -34.32 -13.62
CA HIS B 169 14.18 -34.64 -14.95
C HIS B 169 15.15 -35.82 -14.94
N ILE B 170 16.07 -35.85 -13.99
CA ILE B 170 17.08 -36.91 -13.96
C ILE B 170 16.43 -38.25 -13.69
N ARG B 171 15.52 -38.31 -12.70
CA ARG B 171 14.93 -39.59 -12.33
C ARG B 171 14.08 -40.16 -13.46
N TRP B 172 13.25 -39.32 -14.09
CA TRP B 172 12.33 -39.78 -15.11
C TRP B 172 12.89 -39.64 -16.52
N GLY B 173 13.89 -38.77 -16.71
CA GLY B 173 14.59 -38.65 -17.97
C GLY B 173 13.90 -37.92 -19.10
N PHE B 174 12.73 -37.31 -18.89
CA PHE B 174 12.14 -36.57 -20.00
C PHE B 174 12.84 -35.22 -20.17
N SER B 175 12.51 -34.55 -21.27
CA SER B 175 13.19 -33.32 -21.67
C SER B 175 13.14 -32.24 -20.59
N LYS B 176 14.26 -31.52 -20.46
CA LYS B 176 14.37 -30.45 -19.48
C LYS B 176 13.39 -29.31 -19.78
N GLN B 177 13.15 -29.03 -21.06
CA GLN B 177 12.29 -27.90 -21.39
C GLN B 177 10.86 -28.13 -20.89
N VAL B 178 10.35 -29.36 -21.02
CA VAL B 178 8.95 -29.63 -20.67
C VAL B 178 8.75 -29.81 -19.17
N VAL B 179 9.79 -30.21 -18.43
CA VAL B 179 9.62 -30.45 -17.00
C VAL B 179 9.41 -29.13 -16.28
N ALA B 180 10.21 -28.11 -16.61
CA ALA B 180 10.14 -26.84 -15.91
C ALA B 180 8.77 -26.20 -16.04
N ILE B 181 8.27 -26.09 -17.27
CA ILE B 181 7.00 -25.39 -17.50
C ILE B 181 5.83 -26.11 -16.84
N VAL B 182 5.79 -27.44 -16.95
CA VAL B 182 4.64 -28.17 -16.43
C VAL B 182 4.67 -28.20 -14.90
N HIS B 183 5.86 -28.41 -14.32
CA HIS B 183 5.98 -28.66 -12.90
C HIS B 183 6.21 -27.41 -12.07
N ALA B 184 6.62 -26.31 -12.71
CA ALA B 184 6.70 -25.04 -11.98
C ALA B 184 5.32 -24.66 -11.48
N VAL B 185 4.29 -24.95 -12.27
CA VAL B 185 2.91 -24.70 -11.86
C VAL B 185 2.60 -25.53 -10.62
N LEU B 186 3.10 -26.77 -10.58
CA LEU B 186 2.87 -27.63 -9.43
C LEU B 186 3.50 -27.06 -8.17
N LEU B 187 4.68 -26.42 -8.31
CA LEU B 187 5.38 -25.92 -7.14
C LEU B 187 4.69 -24.71 -6.53
N GLY B 188 3.89 -23.98 -7.31
CA GLY B 188 3.14 -22.88 -6.76
C GLY B 188 2.11 -23.32 -5.74
N PHE B 189 1.43 -24.45 -6.01
CA PHE B 189 0.44 -24.96 -5.07
C PHE B 189 1.06 -25.25 -3.71
N VAL B 190 2.29 -25.77 -3.71
CA VAL B 190 2.97 -26.02 -2.45
C VAL B 190 3.16 -24.71 -1.69
N THR B 191 3.67 -23.69 -2.37
CA THR B 191 3.87 -22.39 -1.75
C THR B 191 2.54 -21.77 -1.33
N VAL B 192 1.52 -21.91 -2.18
CA VAL B 192 0.23 -21.28 -1.88
C VAL B 192 -0.35 -21.85 -0.59
N SER B 193 -0.34 -23.18 -0.47
CA SER B 193 -0.88 -23.80 0.73
C SER B 193 -0.03 -23.45 1.95
N CYS B 194 1.29 -23.46 1.78
CA CYS B 194 2.17 -23.20 2.91
C CYS B 194 1.99 -21.79 3.45
N PHE B 195 1.71 -20.82 2.57
CA PHE B 195 1.66 -19.42 2.96
C PHE B 195 0.25 -18.83 3.00
N PHE B 196 -0.78 -19.55 2.54
CA PHE B 196 -2.16 -19.08 2.65
C PHE B 196 -3.00 -19.92 3.60
N PHE B 197 -3.17 -21.22 3.29
CA PHE B 197 -4.15 -22.02 4.02
C PHE B 197 -3.71 -22.26 5.45
N ILE B 198 -2.46 -22.70 5.62
CA ILE B 198 -1.96 -23.02 6.95
C ILE B 198 -1.85 -21.70 7.72
N PRO B 199 -1.27 -20.64 7.16
CA PRO B 199 -1.30 -19.36 7.87
C PRO B 199 -2.69 -18.84 8.10
N ALA B 200 -3.62 -19.07 7.18
CA ALA B 200 -4.98 -18.63 7.43
C ALA B 200 -5.51 -19.29 8.68
N ALA B 201 -5.22 -20.58 8.87
CA ALA B 201 -5.64 -21.24 10.10
C ALA B 201 -4.90 -20.69 11.31
N VAL B 202 -3.62 -20.39 11.16
CA VAL B 202 -2.84 -19.86 12.28
C VAL B 202 -3.40 -18.53 12.73
N PHE B 203 -3.69 -17.67 11.77
CA PHE B 203 -4.23 -16.36 12.09
C PHE B 203 -5.63 -16.50 12.66
N SER B 204 -6.41 -17.45 12.15
CA SER B 204 -7.74 -17.74 12.69
C SER B 204 -7.67 -18.21 14.13
N VAL B 205 -6.52 -18.73 14.57
CA VAL B 205 -6.37 -19.13 15.96
C VAL B 205 -5.87 -17.98 16.83
N LEU B 206 -4.88 -17.22 16.36
CA LEU B 206 -4.33 -16.16 17.20
C LEU B 206 -5.32 -14.99 17.32
N GLU B 207 -5.93 -14.58 16.22
CA GLU B 207 -6.92 -13.50 16.26
C GLU B 207 -8.30 -14.10 16.43
N ASP B 208 -8.86 -13.93 17.62
CA ASP B 208 -10.14 -14.53 17.94
C ASP B 208 -11.27 -13.88 17.15
N ASP B 209 -11.21 -12.55 16.99
CA ASP B 209 -12.29 -11.82 16.35
C ASP B 209 -12.30 -11.94 14.82
N TRP B 210 -11.37 -12.69 14.23
CA TRP B 210 -11.37 -12.94 12.80
C TRP B 210 -12.00 -14.29 12.50
N ASN B 211 -12.50 -14.41 11.27
CA ASN B 211 -12.97 -15.66 10.71
C ASN B 211 -11.84 -16.23 9.84
N PHE B 212 -12.15 -17.18 8.96
CA PHE B 212 -11.13 -17.68 8.06
C PHE B 212 -11.06 -16.84 6.80
N LEU B 213 -12.21 -16.34 6.35
CA LEU B 213 -12.24 -15.60 5.10
C LEU B 213 -11.49 -14.29 5.24
N GLU B 214 -11.72 -13.57 6.34
CA GLU B 214 -11.02 -12.31 6.55
C GLU B 214 -9.53 -12.55 6.67
N SER B 215 -9.14 -13.65 7.33
CA SER B 215 -7.72 -13.96 7.46
C SER B 215 -7.10 -14.26 6.11
N PHE B 216 -7.80 -14.99 5.25
CA PHE B 216 -7.28 -15.24 3.92
C PHE B 216 -7.17 -13.94 3.14
N TYR B 217 -8.16 -13.07 3.31
CA TYR B 217 -8.13 -11.77 2.65
C TYR B 217 -6.93 -10.95 3.11
N PHE B 218 -6.64 -11.01 4.42
CA PHE B 218 -5.55 -10.23 4.97
C PHE B 218 -4.22 -10.77 4.45
N CYS B 219 -4.10 -12.09 4.39
CA CYS B 219 -2.87 -12.68 3.89
C CYS B 219 -2.65 -12.37 2.43
N PHE B 220 -3.70 -12.43 1.63
CA PHE B 220 -3.57 -12.02 0.23
C PHE B 220 -3.17 -10.55 0.09
N ILE B 221 -3.85 -9.64 0.79
CA ILE B 221 -3.50 -8.24 0.57
C ILE B 221 -2.09 -7.95 1.07
N SER B 222 -1.70 -8.51 2.23
CA SER B 222 -0.38 -8.21 2.77
C SER B 222 0.73 -8.75 1.88
N LEU B 223 0.63 -10.00 1.45
CA LEU B 223 1.68 -10.53 0.61
C LEU B 223 1.70 -9.86 -0.76
N SER B 224 0.51 -9.58 -1.30
CA SER B 224 0.41 -8.88 -2.57
C SER B 224 0.97 -7.47 -2.50
N THR B 225 1.12 -6.90 -1.30
CA THR B 225 1.64 -5.58 -0.94
C THR B 225 0.56 -4.50 -0.96
N ILE B 226 -0.70 -4.83 -1.21
CA ILE B 226 -1.72 -3.79 -1.26
C ILE B 226 -1.81 -3.06 0.08
N GLY B 227 -1.70 -3.81 1.16
CA GLY B 227 -1.66 -3.22 2.48
C GLY B 227 -2.81 -2.30 2.76
N LEU B 228 -4.02 -2.76 2.46
CA LEU B 228 -5.19 -1.92 2.60
C LEU B 228 -5.34 -1.39 4.00
N GLY B 229 -4.93 -2.16 5.00
CA GLY B 229 -5.00 -1.71 6.38
C GLY B 229 -6.32 -1.94 7.09
N ASP B 230 -7.28 -2.62 6.47
CA ASP B 230 -8.49 -3.00 7.21
C ASP B 230 -8.27 -4.17 8.15
N TYR B 231 -7.26 -4.99 7.88
CA TYR B 231 -6.84 -6.09 8.75
C TYR B 231 -5.38 -5.91 9.15
N VAL B 232 -5.15 -5.64 10.42
CA VAL B 232 -3.80 -5.49 10.95
C VAL B 232 -3.66 -6.35 12.21
N PRO B 233 -2.61 -7.14 12.36
CA PRO B 233 -2.46 -7.94 13.58
C PRO B 233 -1.79 -7.15 14.69
N GLY B 234 -1.89 -7.69 15.91
CA GLY B 234 -1.25 -7.11 17.06
C GLY B 234 -2.12 -6.15 17.83
N GLU B 235 -3.42 -6.12 17.54
CA GLU B 235 -4.34 -5.18 18.16
C GLU B 235 -4.98 -5.72 19.43
N GLY B 236 -4.70 -6.98 19.78
CA GLY B 236 -5.18 -7.55 21.03
C GLY B 236 -4.95 -6.65 22.22
N TYR B 237 -5.99 -6.45 23.02
CA TYR B 237 -5.95 -5.48 24.11
C TYR B 237 -5.04 -6.03 25.22
N ASN B 238 -3.90 -5.36 25.41
CA ASN B 238 -2.87 -5.76 26.36
C ASN B 238 -2.61 -7.26 26.29
N GLN B 239 -2.43 -7.74 25.06
CA GLN B 239 -2.19 -9.16 24.84
C GLN B 239 -0.85 -9.58 25.43
N LYS B 240 -0.75 -10.89 25.71
CA LYS B 240 0.37 -11.41 26.50
C LYS B 240 1.74 -11.24 25.83
N PHE B 241 1.83 -11.45 24.51
CA PHE B 241 3.12 -11.46 23.82
C PHE B 241 3.23 -10.41 22.71
N ARG B 242 2.94 -9.15 23.02
CA ARG B 242 2.92 -8.11 21.99
C ARG B 242 4.24 -7.94 21.26
N GLU B 243 5.37 -8.14 21.95
CA GLU B 243 6.63 -7.86 21.30
C GLU B 243 7.04 -9.04 20.43
N LEU B 244 7.00 -10.24 21.00
CA LEU B 244 7.34 -11.41 20.22
C LEU B 244 6.34 -11.58 19.10
N TYR B 245 5.09 -11.19 19.33
CA TYR B 245 4.08 -11.37 18.29
C TYR B 245 4.26 -10.35 17.18
N LYS B 246 4.61 -9.11 17.51
CA LYS B 246 4.81 -8.12 16.46
C LYS B 246 6.01 -8.50 15.61
N ILE B 247 7.04 -9.08 16.23
CA ILE B 247 8.21 -9.45 15.44
C ILE B 247 7.96 -10.74 14.68
N GLY B 248 7.11 -11.62 15.21
CA GLY B 248 6.79 -12.83 14.46
C GLY B 248 5.95 -12.51 13.24
N ILE B 249 4.99 -11.61 13.38
CA ILE B 249 4.21 -11.17 12.25
C ILE B 249 5.08 -10.43 11.25
N THR B 250 6.04 -9.63 11.73
CA THR B 250 6.96 -9.00 10.81
C THR B 250 7.72 -10.03 9.99
N CYS B 251 8.20 -11.07 10.66
CA CYS B 251 8.98 -12.07 9.96
C CYS B 251 8.11 -12.87 9.01
N TYR B 252 6.86 -13.11 9.40
CA TYR B 252 5.94 -13.79 8.49
C TYR B 252 5.63 -12.92 7.29
N LEU B 253 5.58 -11.60 7.46
CA LEU B 253 5.19 -10.77 6.33
C LEU B 253 6.33 -10.66 5.35
N LEU B 254 7.57 -10.61 5.84
CA LEU B 254 8.64 -10.73 4.87
C LEU B 254 8.63 -12.10 4.24
N LEU B 255 8.43 -13.16 5.04
CA LEU B 255 8.49 -14.50 4.47
C LEU B 255 7.46 -14.67 3.38
N GLY B 256 6.27 -14.13 3.58
CA GLY B 256 5.27 -14.16 2.54
C GLY B 256 5.69 -13.36 1.32
N LEU B 257 6.32 -12.20 1.55
CA LEU B 257 6.78 -11.40 0.41
C LEU B 257 7.84 -12.13 -0.39
N ILE B 258 8.78 -12.79 0.31
CA ILE B 258 9.80 -13.57 -0.39
C ILE B 258 9.16 -14.75 -1.13
N ALA B 259 8.16 -15.40 -0.54
CA ALA B 259 7.66 -16.58 -1.19
C ALA B 259 6.73 -16.28 -2.35
N MET B 260 6.12 -15.10 -2.36
CA MET B 260 5.34 -14.71 -3.53
C MET B 260 6.16 -13.96 -4.54
N LEU B 261 7.33 -13.46 -4.17
CA LEU B 261 8.20 -12.98 -5.21
C LEU B 261 8.91 -14.15 -5.87
N VAL B 262 8.98 -15.29 -5.18
CA VAL B 262 9.48 -16.50 -5.82
C VAL B 262 8.42 -17.10 -6.72
N VAL B 263 7.17 -17.15 -6.25
CA VAL B 263 6.10 -17.68 -7.08
C VAL B 263 5.89 -16.79 -8.30
N LEU B 264 5.94 -15.46 -8.11
CA LEU B 264 5.72 -14.56 -9.23
C LEU B 264 6.92 -14.57 -10.17
N GLU B 265 8.13 -14.79 -9.64
CA GLU B 265 9.29 -14.96 -10.51
C GLU B 265 9.15 -16.20 -11.36
N THR B 266 8.62 -17.28 -10.79
CA THR B 266 8.48 -18.53 -11.52
C THR B 266 7.36 -18.44 -12.55
N PHE B 267 6.23 -17.82 -12.18
CA PHE B 267 5.16 -17.61 -13.14
C PHE B 267 5.63 -16.70 -14.27
N CYS B 268 6.39 -15.65 -13.95
CA CYS B 268 6.93 -14.81 -15.01
C CYS B 268 7.89 -15.60 -15.88
N GLU B 269 8.67 -16.50 -15.25
CA GLU B 269 9.58 -17.34 -16.02
C GLU B 269 8.83 -18.29 -16.94
N LEU B 270 7.63 -18.70 -16.55
CA LEU B 270 6.87 -19.67 -17.33
C LEU B 270 6.66 -19.20 -18.76
N HIS B 271 6.85 -20.14 -19.69
CA HIS B 271 6.75 -19.81 -21.10
C HIS B 271 5.35 -19.28 -21.44
N GLU B 272 4.31 -19.89 -20.88
CA GLU B 272 2.94 -19.49 -21.20
C GLU B 272 2.67 -18.05 -20.79
N LEU B 273 3.02 -17.69 -19.55
CA LEU B 273 2.78 -16.34 -19.06
C LEU B 273 3.65 -15.34 -19.80
N LYS B 274 4.89 -15.76 -20.10
CA LYS B 274 5.82 -14.92 -20.82
C LYS B 274 5.27 -14.56 -22.19
N LYS B 275 4.65 -15.54 -22.86
CA LYS B 275 4.05 -15.28 -24.17
C LYS B 275 2.94 -14.26 -24.05
N PHE B 276 2.14 -14.36 -22.99
CA PHE B 276 1.05 -13.41 -22.78
C PHE B 276 1.61 -12.01 -22.68
N ARG B 277 2.72 -11.84 -21.94
CA ARG B 277 3.33 -10.51 -21.81
C ARG B 277 3.79 -10.04 -23.18
N LYS B 278 4.42 -10.92 -23.96
CA LYS B 278 4.91 -10.55 -25.27
C LYS B 278 3.77 -10.11 -26.18
N MET B 279 2.64 -10.81 -26.09
CA MET B 279 1.46 -10.53 -26.90
C MET B 279 0.87 -9.15 -26.58
N PHE B 280 0.78 -8.83 -25.31
CA PHE B 280 0.09 -7.62 -24.86
C PHE B 280 1.11 -6.53 -24.52
C1 OCT C . -5.92 6.87 -17.85
C2 OCT C . -4.64 7.42 -18.43
C3 OCT C . -4.12 6.62 -19.61
C4 OCT C . -2.83 7.16 -20.18
C5 OCT C . -2.30 6.38 -21.36
C6 OCT C . -1.00 6.91 -21.92
C7 OCT C . -0.46 6.16 -23.10
C8 OCT C . 0.85 6.67 -23.61
K K D . -1.30 0.78 1.39
K K E . -5.45 3.12 5.74
K K F . 2.36 -1.31 -2.50
K K G . 0.48 -0.27 -0.53
K K H . -3.16 1.82 3.33
C1 OCT I . 16.90 -16.99 5.01
C2 OCT I . 16.89 -15.74 5.86
C3 OCT I . 15.58 -15.47 6.55
C4 OCT I . 15.58 -14.23 7.41
C5 OCT I . 14.25 -13.96 8.09
C6 OCT I . 14.25 -12.74 8.98
C7 OCT I . 12.91 -12.47 9.63
C8 OCT I . 12.89 -11.26 10.52
#